data_4IGF
#
_entry.id   4IGF
#
_cell.length_a   131.556
_cell.length_b   131.556
_cell.length_c   82.635
_cell.angle_alpha   90.00
_cell.angle_beta   90.00
_cell.angle_gamma   90.00
#
_symmetry.space_group_name_H-M   'P 43 21 2'
#
loop_
_entity.id
_entity.type
_entity.pdbx_description
1 polymer 'Enoyl-acyl carrier reductase'
2 non-polymer 3-(4-chloro-2-hydroxyphenoxy)-7-hydroxy-2H-chromen-2-one
3 non-polymer NICOTINAMIDE-ADENINE-DINUCLEOTIDE
4 non-polymer GLYCEROL
5 non-polymer 'SULFATE ION'
6 water water
#
_entity_poly.entity_id   1
_entity_poly.type   'polypeptide(L)'
_entity_poly.pdbx_seq_one_letter_code
;MVHHHHHHNEDICFIAGIGDTNGYGWGIAKELSKRNVKIIFGIWPPVYNIFMKNYKNGKFDNDMIIDKDKKMNILDMLPF
DASFDTANDIDEETKNNKRYNMLQNYTIEDVANLIHQKYGKINMLVHSLANAKEVQKDLLNTSRKGYLDALSKSSYSLIS
LCKYFVNIMKPQSSIISLTYHASQKVVPGYGGGMSSAKAALESDTRVLAYHLGRNYNIRINTISAGPLKSRAATAINKLN
NTYENNTNQNKNRNSHDVHNIMNNSGEKEEKKNSASQNYTFIDYAIEYSEKYAPLRQKLLSTDIGSVASFLLSRESRAIT
GQTIYVDNGLNIMFLPDDIYRNENE
;
_entity_poly.pdbx_strand_id   A,B
#
# COMPACT_ATOMS: atom_id res chain seq x y z
N GLU A 10 -18.58 5.04 -16.00
CA GLU A 10 -17.16 4.96 -16.24
C GLU A 10 -16.40 6.04 -15.44
N ASP A 11 -15.11 5.81 -15.27
CA ASP A 11 -14.25 6.55 -14.36
C ASP A 11 -13.52 7.74 -15.00
N ILE A 12 -13.48 8.85 -14.27
CA ILE A 12 -12.74 10.03 -14.69
C ILE A 12 -11.79 10.48 -13.59
N CYS A 13 -10.55 10.73 -13.98
CA CYS A 13 -9.57 11.23 -13.04
C CYS A 13 -9.12 12.61 -13.47
N PHE A 14 -9.14 13.56 -12.54
CA PHE A 14 -8.52 14.85 -12.80
C PHE A 14 -7.11 14.85 -12.22
N ILE A 15 -6.12 15.12 -13.07
CA ILE A 15 -4.74 15.24 -12.64
C ILE A 15 -4.26 16.67 -12.65
N ALA A 16 -4.10 17.22 -11.46
CA ALA A 16 -3.68 18.60 -11.32
C ALA A 16 -2.18 18.70 -11.22
N GLY A 17 -1.55 19.35 -12.20
CA GLY A 17 -0.13 19.60 -12.14
C GLY A 17 0.67 18.71 -13.06
N ILE A 18 0.64 19.06 -14.32
CA ILE A 18 1.48 18.40 -15.29
C ILE A 18 1.98 19.50 -16.25
N GLY A 19 3.22 19.38 -16.71
CA GLY A 19 3.78 20.37 -17.61
C GLY A 19 4.47 19.73 -18.81
N ASP A 20 4.76 18.44 -18.69
CA ASP A 20 5.45 17.69 -19.74
C ASP A 20 5.08 16.23 -19.57
N THR A 21 5.84 15.34 -20.22
CA THR A 21 5.56 13.92 -20.10
C THR A 21 6.62 13.24 -19.24
N ASN A 22 7.46 14.04 -18.60
CA ASN A 22 8.62 13.51 -17.87
C ASN A 22 8.40 13.31 -16.38
N GLY A 23 7.22 13.68 -15.88
CA GLY A 23 6.97 13.65 -14.47
C GLY A 23 6.05 12.54 -13.98
N TYR A 24 5.73 12.62 -12.70
CA TYR A 24 4.81 11.68 -12.05
C TYR A 24 3.39 11.70 -12.60
N GLY A 25 2.86 12.90 -12.85
CA GLY A 25 1.51 13.03 -13.41
C GLY A 25 1.32 12.24 -14.71
N TRP A 26 2.25 12.37 -15.63
CA TRP A 26 2.23 11.57 -16.86
C TRP A 26 2.21 10.05 -16.61
N GLY A 27 3.16 9.56 -15.82
CA GLY A 27 3.18 8.14 -15.52
C GLY A 27 1.91 7.67 -14.81
N ILE A 28 1.33 8.51 -13.95
CA ILE A 28 0.06 8.19 -13.30
C ILE A 28 -1.04 8.10 -14.37
N ALA A 29 -1.03 9.03 -15.32
CA ALA A 29 -2.01 9.04 -16.41
C ALA A 29 -1.89 7.80 -17.29
N LYS A 30 -0.65 7.42 -17.63
CA LYS A 30 -0.41 6.24 -18.44
C LYS A 30 -1.01 4.97 -17.83
N GLU A 31 -0.70 4.74 -16.55
CA GLU A 31 -1.16 3.56 -15.85
C GLU A 31 -2.67 3.51 -15.64
N LEU A 32 -3.26 4.65 -15.31
CA LEU A 32 -4.71 4.71 -15.19
C LEU A 32 -5.35 4.35 -16.53
N SER A 33 -4.68 4.72 -17.62
CA SER A 33 -5.27 4.47 -18.94
C SER A 33 -5.43 3.01 -19.24
N LYS A 34 -4.52 2.19 -18.72
CA LYS A 34 -4.64 0.74 -18.79
C LYS A 34 -5.97 0.24 -18.23
N ARG A 35 -6.54 0.96 -17.26
CA ARG A 35 -7.82 0.58 -16.64
C ARG A 35 -8.97 1.31 -17.31
N ASN A 36 -8.72 1.93 -18.47
CA ASN A 36 -9.74 2.72 -19.16
C ASN A 36 -10.30 3.87 -18.34
N VAL A 37 -9.45 4.51 -17.56
CA VAL A 37 -9.85 5.72 -16.88
C VAL A 37 -9.71 6.88 -17.88
N LYS A 38 -10.73 7.74 -17.95
CA LYS A 38 -10.62 8.93 -18.76
C LYS A 38 -9.86 9.98 -17.96
N ILE A 39 -8.92 10.65 -18.60
CA ILE A 39 -8.01 11.56 -17.90
C ILE A 39 -8.27 13.02 -18.23
N ILE A 40 -8.39 13.88 -17.22
CA ILE A 40 -8.36 15.33 -17.47
C ILE A 40 -7.11 15.89 -16.82
N PHE A 41 -6.34 16.66 -17.59
CA PHE A 41 -5.10 17.28 -17.10
C PHE A 41 -5.38 18.73 -16.73
N GLY A 42 -4.85 19.16 -15.61
CA GLY A 42 -4.83 20.55 -15.25
C GLY A 42 -3.39 21.00 -15.43
N ILE A 43 -3.20 22.07 -16.19
CA ILE A 43 -1.87 22.48 -16.55
C ILE A 43 -1.70 23.92 -16.13
N TRP A 44 -0.59 24.18 -15.46
CA TRP A 44 -0.21 25.50 -14.97
C TRP A 44 -0.28 26.52 -16.11
N PRO A 45 -1.06 27.59 -15.93
CA PRO A 45 -1.38 28.45 -17.07
C PRO A 45 -0.18 28.91 -17.93
N PRO A 46 0.92 29.37 -17.32
CA PRO A 46 2.05 29.87 -18.13
C PRO A 46 2.71 28.83 -19.00
N VAL A 47 2.49 27.56 -18.75
CA VAL A 47 3.03 26.55 -19.67
C VAL A 47 1.93 25.86 -20.46
N TYR A 48 0.68 26.34 -20.32
CA TYR A 48 -0.51 25.70 -20.91
C TYR A 48 -0.47 25.67 -22.44
N ASN A 49 -0.23 26.84 -23.03
CA ASN A 49 -0.16 26.94 -24.48
C ASN A 49 1.01 26.15 -25.08
N ILE A 50 2.17 26.20 -24.43
CA ILE A 50 3.32 25.42 -24.88
C ILE A 50 2.92 23.95 -24.92
N PHE A 51 2.31 23.49 -23.85
CA PHE A 51 1.89 22.11 -23.73
C PHE A 51 0.91 21.73 -24.85
N MET A 52 -0.07 22.59 -25.12
CA MET A 52 -1.02 22.34 -26.19
C MET A 52 -0.32 22.30 -27.53
N LYS A 53 0.66 23.17 -27.69
CA LYS A 53 1.43 23.25 -28.93
C LYS A 53 2.16 21.91 -29.14
N ASN A 54 2.94 21.49 -28.15
CA ASN A 54 3.66 20.23 -28.25
C ASN A 54 2.69 19.10 -28.51
N TYR A 55 1.60 19.08 -27.74
CA TYR A 55 0.56 18.08 -27.92
C TYR A 55 0.09 18.02 -29.37
N LYS A 56 -0.34 19.16 -29.90
CA LYS A 56 -0.87 19.23 -31.27
C LYS A 56 0.19 18.88 -32.32
N ASN A 57 1.45 19.17 -32.01
CA ASN A 57 2.57 18.87 -32.91
C ASN A 57 3.10 17.43 -32.77
N GLY A 58 2.35 16.58 -32.08
CA GLY A 58 2.67 15.17 -31.99
C GLY A 58 3.77 14.76 -31.03
N LYS A 59 4.46 15.74 -30.45
CA LYS A 59 5.58 15.46 -29.56
C LYS A 59 5.30 14.39 -28.49
N PHE A 60 4.05 14.29 -28.03
CA PHE A 60 3.69 13.34 -26.97
C PHE A 60 3.12 12.02 -27.51
N ASP A 61 3.17 11.82 -28.83
CA ASP A 61 2.46 10.68 -29.41
C ASP A 61 2.99 9.33 -28.96
N ASN A 62 4.31 9.18 -28.95
CA ASN A 62 4.92 7.94 -28.51
C ASN A 62 4.65 7.73 -27.03
N ASP A 63 4.78 8.81 -26.26
CA ASP A 63 4.52 8.78 -24.83
C ASP A 63 3.09 8.44 -24.48
N MET A 64 2.18 8.56 -25.44
CA MET A 64 0.78 8.26 -25.17
C MET A 64 0.41 6.80 -25.42
N ILE A 65 1.36 6.04 -25.93
CA ILE A 65 1.03 4.66 -26.29
C ILE A 65 0.97 3.79 -25.04
N ILE A 66 -0.17 3.14 -24.82
CA ILE A 66 -0.35 2.29 -23.64
C ILE A 66 0.17 0.87 -23.92
N ASP A 67 -0.44 0.20 -24.89
CA ASP A 67 0.03 -1.11 -25.30
C ASP A 67 -0.25 -1.26 -26.79
N LYS A 68 -0.08 -2.47 -27.30
CA LYS A 68 -0.35 -2.79 -28.70
C LYS A 68 -1.70 -2.28 -29.21
N ASP A 69 -2.65 -2.05 -28.31
CA ASP A 69 -4.00 -1.72 -28.74
C ASP A 69 -4.44 -0.27 -28.56
N LYS A 70 -4.09 0.35 -27.44
CA LYS A 70 -4.64 1.66 -27.11
C LYS A 70 -3.63 2.72 -26.72
N LYS A 71 -4.03 3.96 -26.95
CA LYS A 71 -3.30 5.10 -26.44
C LYS A 71 -4.08 5.66 -25.24
N MET A 72 -3.41 6.53 -24.50
CA MET A 72 -4.03 7.29 -23.42
C MET A 72 -5.30 8.01 -23.89
N ASN A 73 -6.38 7.89 -23.13
CA ASN A 73 -7.64 8.56 -23.46
C ASN A 73 -7.67 9.85 -22.67
N ILE A 74 -7.14 10.92 -23.25
CA ILE A 74 -7.22 12.21 -22.65
C ILE A 74 -8.55 12.85 -22.98
N LEU A 75 -9.39 12.97 -21.97
CA LEU A 75 -10.70 13.55 -22.15
C LEU A 75 -10.62 15.09 -22.33
N ASP A 76 -9.67 15.74 -21.66
CA ASP A 76 -9.56 17.21 -21.76
C ASP A 76 -8.27 17.68 -21.13
N MET A 77 -7.86 18.89 -21.49
CA MET A 77 -6.72 19.55 -20.91
C MET A 77 -7.13 20.98 -20.61
N LEU A 78 -6.99 21.39 -19.35
CA LEU A 78 -7.44 22.71 -18.93
C LEU A 78 -6.34 23.43 -18.19
N PRO A 79 -6.28 24.75 -18.36
CA PRO A 79 -5.42 25.62 -17.54
C PRO A 79 -5.85 25.57 -16.07
N PHE A 80 -4.91 25.39 -15.16
CA PHE A 80 -5.25 25.20 -13.74
C PHE A 80 -4.14 25.84 -12.92
N ASP A 81 -4.52 26.74 -12.03
CA ASP A 81 -3.53 27.39 -11.14
C ASP A 81 -3.78 27.14 -9.65
N ALA A 82 -2.89 26.39 -9.04
CA ALA A 82 -3.03 25.98 -7.66
C ALA A 82 -2.91 27.13 -6.66
N SER A 83 -2.59 28.32 -7.14
CA SER A 83 -2.42 29.50 -6.29
C SER A 83 -3.74 30.17 -5.97
N PHE A 84 -4.76 29.90 -6.78
CA PHE A 84 -5.99 30.69 -6.74
C PHE A 84 -7.20 29.82 -6.44
N ASP A 85 -7.86 30.08 -5.33
CA ASP A 85 -9.02 29.31 -4.97
C ASP A 85 -10.25 29.64 -5.82
N THR A 86 -10.53 30.93 -6.01
CA THR A 86 -11.69 31.33 -6.79
C THR A 86 -11.37 32.56 -7.61
N ALA A 87 -12.30 32.93 -8.48
CA ALA A 87 -12.12 34.08 -9.35
C ALA A 87 -11.79 35.32 -8.51
N ASN A 88 -12.37 35.40 -7.32
CA ASN A 88 -12.12 36.57 -6.46
C ASN A 88 -10.67 36.72 -5.95
N ASP A 89 -9.81 35.74 -6.20
CA ASP A 89 -8.44 35.75 -5.67
C ASP A 89 -7.36 36.22 -6.64
N ILE A 90 -7.71 36.47 -7.90
CA ILE A 90 -6.68 36.91 -8.85
C ILE A 90 -6.46 38.43 -8.85
N ASP A 91 -5.22 38.85 -8.60
CA ASP A 91 -4.87 40.25 -8.35
C ASP A 91 -4.77 41.09 -9.61
N GLU A 93 -3.80 42.90 -12.06
CA GLU A 93 -2.77 42.88 -13.07
C GLU A 93 -2.54 41.47 -13.59
N THR A 94 -2.62 40.51 -12.69
CA THR A 94 -2.28 39.12 -13.00
C THR A 94 -3.21 38.58 -14.05
N LYS A 95 -4.51 38.85 -13.88
CA LYS A 95 -5.55 38.40 -14.79
C LYS A 95 -5.24 38.88 -16.20
N ASN A 96 -4.56 40.02 -16.27
CA ASN A 96 -4.13 40.62 -17.54
C ASN A 96 -2.62 40.67 -17.68
N ASN A 97 -1.95 39.63 -17.20
CA ASN A 97 -0.54 39.43 -17.47
C ASN A 97 -0.39 38.70 -18.81
N LYS A 98 0.77 38.88 -19.45
CA LYS A 98 1.10 38.27 -20.73
C LYS A 98 0.65 36.81 -20.89
N ARG A 99 1.04 35.97 -19.94
CA ARG A 99 0.76 34.54 -20.06
C ARG A 99 -0.52 34.11 -19.33
N TYR A 100 -1.38 35.07 -18.98
CA TYR A 100 -2.65 34.72 -18.37
C TYR A 100 -3.86 35.22 -19.13
N ASN A 101 -3.74 36.37 -19.78
CA ASN A 101 -4.95 37.05 -20.26
C ASN A 101 -5.69 36.39 -21.43
N MET A 102 -5.06 35.42 -22.08
CA MET A 102 -5.73 34.67 -23.16
C MET A 102 -6.33 33.39 -22.63
N LEU A 103 -6.41 33.28 -21.31
CA LEU A 103 -6.97 32.10 -20.69
C LEU A 103 -7.99 32.50 -19.64
N GLN A 104 -8.91 31.60 -19.35
CA GLN A 104 -9.99 31.91 -18.42
C GLN A 104 -10.33 30.67 -17.59
N ASN A 105 -10.99 30.89 -16.44
CA ASN A 105 -11.52 29.81 -15.61
C ASN A 105 -10.49 28.83 -15.09
N TYR A 106 -9.37 29.34 -14.60
CA TYR A 106 -8.27 28.47 -14.26
C TYR A 106 -8.05 28.42 -12.76
N THR A 107 -8.92 29.04 -11.98
CA THR A 107 -8.78 28.91 -10.53
C THR A 107 -9.33 27.56 -10.13
N ILE A 108 -9.00 27.14 -8.92
CA ILE A 108 -9.41 25.83 -8.43
C ILE A 108 -10.93 25.65 -8.48
N GLU A 109 -11.70 26.63 -8.02
CA GLU A 109 -13.14 26.51 -8.10
C GLU A 109 -13.68 26.55 -9.55
N ASP A 110 -13.14 27.44 -10.36
CA ASP A 110 -13.55 27.51 -11.76
C ASP A 110 -13.30 26.19 -12.48
N VAL A 111 -12.19 25.52 -12.19
CA VAL A 111 -11.89 24.28 -12.91
C VAL A 111 -12.86 23.18 -12.50
N ALA A 112 -13.14 23.10 -11.20
CA ALA A 112 -14.12 22.15 -10.68
C ALA A 112 -15.49 22.39 -11.31
N ASN A 113 -15.92 23.64 -11.43
CA ASN A 113 -17.21 23.98 -12.04
C ASN A 113 -17.25 23.58 -13.51
N LEU A 114 -16.16 23.90 -14.22
CA LEU A 114 -16.01 23.60 -15.64
C LEU A 114 -16.09 22.10 -15.95
N ILE A 115 -15.34 21.29 -15.20
CA ILE A 115 -15.30 19.86 -15.40
C ILE A 115 -16.70 19.28 -15.16
N HIS A 116 -17.29 19.69 -14.05
CA HIS A 116 -18.61 19.26 -13.68
C HIS A 116 -19.65 19.67 -14.76
N GLN A 117 -19.51 20.87 -15.30
CA GLN A 117 -20.43 21.35 -16.33
C GLN A 117 -20.33 20.53 -17.61
N LYS A 118 -19.12 20.09 -17.94
CA LYS A 118 -18.88 19.42 -19.19
C LYS A 118 -19.03 17.91 -19.14
N TYR A 119 -18.73 17.30 -17.99
CA TYR A 119 -18.63 15.84 -17.89
C TYR A 119 -19.30 15.25 -16.66
N GLY A 120 -19.84 16.09 -15.78
CA GLY A 120 -20.55 15.60 -14.62
C GLY A 120 -19.60 15.23 -13.48
N LYS A 121 -19.97 14.25 -12.68
CA LYS A 121 -19.16 13.93 -11.52
C LYS A 121 -17.95 13.08 -11.87
N ILE A 122 -16.82 13.32 -11.21
CA ILE A 122 -15.64 12.46 -11.41
C ILE A 122 -15.43 11.57 -10.19
N ASN A 123 -14.43 10.72 -10.21
CA ASN A 123 -14.25 9.85 -9.04
C ASN A 123 -12.81 9.62 -8.62
N MET A 124 -11.89 10.27 -9.32
CA MET A 124 -10.48 10.20 -8.96
C MET A 124 -9.80 11.55 -9.08
N LEU A 125 -8.97 11.86 -8.11
CA LEU A 125 -8.34 13.16 -8.06
C LEU A 125 -6.87 12.96 -7.75
N VAL A 126 -5.99 13.60 -8.52
CA VAL A 126 -4.57 13.52 -8.30
C VAL A 126 -4.02 14.92 -8.13
N HIS A 127 -3.39 15.15 -6.98
CA HIS A 127 -2.63 16.34 -6.72
C HIS A 127 -1.14 16.04 -7.00
N SER A 128 -0.56 16.69 -7.99
CA SER A 128 0.82 16.41 -8.37
C SER A 128 1.54 17.73 -8.62
N LEU A 129 1.54 18.60 -7.64
CA LEU A 129 2.21 19.85 -7.86
C LEU A 129 3.04 20.27 -6.67
N ALA A 130 4.13 20.93 -6.98
CA ALA A 130 5.08 21.35 -5.99
C ALA A 130 5.74 22.57 -6.59
N ASN A 131 5.93 23.58 -5.77
CA ASN A 131 6.53 24.82 -6.22
C ASN A 131 7.09 25.57 -5.04
N ALA A 132 8.37 25.89 -5.11
CA ALA A 132 9.02 26.70 -4.09
C ALA A 132 9.98 27.62 -4.84
N LYS A 133 9.75 28.93 -4.78
CA LYS A 133 10.64 29.83 -5.52
C LYS A 133 12.07 29.85 -4.97
N GLU A 134 12.24 29.47 -3.70
CA GLU A 134 13.57 29.53 -3.08
C GLU A 134 14.17 28.15 -2.78
N VAL A 135 13.81 27.15 -3.57
CA VAL A 135 14.25 25.75 -3.35
C VAL A 135 15.77 25.63 -3.28
N GLN A 136 16.46 26.55 -3.92
CA GLN A 136 17.91 26.50 -3.97
C GLN A 136 18.54 27.10 -2.71
N LYS A 137 17.75 27.83 -1.94
CA LYS A 137 18.25 28.38 -0.68
C LYS A 137 17.99 27.36 0.41
N ASP A 138 18.93 27.18 1.33
CA ASP A 138 18.59 26.29 2.42
C ASP A 138 17.54 26.92 3.35
N LEU A 139 16.90 26.07 4.15
CA LEU A 139 15.75 26.45 4.95
C LEU A 139 16.04 27.69 5.79
N LEU A 140 17.16 27.66 6.47
CA LEU A 140 17.60 28.74 7.33
C LEU A 140 17.72 30.08 6.61
N ASN A 141 17.94 30.05 5.29
CA ASN A 141 18.04 31.29 4.51
C ASN A 141 16.84 31.53 3.61
N THR A 142 15.73 30.84 3.86
CA THR A 142 14.51 31.07 3.12
C THR A 142 13.75 32.26 3.71
N SER A 143 13.17 33.09 2.83
CA SER A 143 12.37 34.25 3.26
C SER A 143 10.94 33.82 3.64
N ARG A 144 10.23 34.69 4.34
CA ARG A 144 8.86 34.39 4.76
C ARG A 144 7.99 34.22 3.53
N LYS A 145 8.19 35.12 2.60
CA LYS A 145 7.45 35.12 1.35
C LYS A 145 7.69 33.81 0.57
N GLY A 146 8.95 33.39 0.49
CA GLY A 146 9.31 32.18 -0.22
C GLY A 146 8.74 30.93 0.41
N TYR A 147 8.82 30.90 1.74
CA TYR A 147 8.31 29.82 2.57
C TYR A 147 6.80 29.69 2.42
N LEU A 148 6.10 30.80 2.61
CA LEU A 148 4.64 30.79 2.53
C LEU A 148 4.14 30.52 1.10
N ASP A 149 4.86 31.02 0.10
CA ASP A 149 4.55 30.67 -1.28
C ASP A 149 4.65 29.16 -1.52
N ALA A 150 5.67 28.54 -0.96
CA ALA A 150 5.83 27.09 -1.07
C ALA A 150 4.68 26.34 -0.40
N LEU A 151 4.31 26.75 0.81
CA LEU A 151 3.23 26.09 1.53
C LEU A 151 1.91 26.27 0.81
N SER A 152 1.70 27.47 0.26
CA SER A 152 0.46 27.82 -0.46
C SER A 152 0.25 26.98 -1.69
N LYS A 153 1.27 26.98 -2.54
CA LYS A 153 1.19 26.23 -3.78
C LYS A 153 1.29 24.73 -3.56
N SER A 154 2.08 24.28 -2.58
CA SER A 154 2.41 22.86 -2.48
C SER A 154 1.59 22.12 -1.45
N SER A 155 1.07 22.84 -0.48
CA SER A 155 0.32 22.20 0.59
C SER A 155 -1.14 22.66 0.66
N TYR A 156 -1.40 23.97 0.75
CA TYR A 156 -2.78 24.43 0.85
C TYR A 156 -3.59 24.02 -0.36
N SER A 157 -2.91 23.99 -1.50
CA SER A 157 -3.56 23.63 -2.73
C SER A 157 -4.20 22.25 -2.63
N LEU A 158 -3.68 21.36 -1.78
CA LEU A 158 -4.32 20.05 -1.59
C LEU A 158 -5.68 20.21 -0.90
N ILE A 159 -5.70 20.97 0.19
CA ILE A 159 -6.93 21.24 0.92
C ILE A 159 -7.98 21.90 0.02
N SER A 160 -7.57 22.94 -0.70
CA SER A 160 -8.47 23.67 -1.59
C SER A 160 -9.05 22.76 -2.68
N LEU A 161 -8.17 22.03 -3.37
CA LEU A 161 -8.58 20.96 -4.26
C LEU A 161 -9.69 20.08 -3.67
N CYS A 162 -9.50 19.64 -2.43
CA CYS A 162 -10.48 18.73 -1.80
C CYS A 162 -11.77 19.48 -1.53
N LYS A 163 -11.65 20.68 -1.01
CA LYS A 163 -12.79 21.49 -0.65
C LYS A 163 -13.72 21.75 -1.84
N TYR A 164 -13.13 22.03 -2.99
CA TYR A 164 -13.94 22.36 -4.16
C TYR A 164 -14.33 21.14 -4.99
N PHE A 165 -13.50 20.10 -5.03
CA PHE A 165 -13.84 18.94 -5.82
C PHE A 165 -14.78 17.94 -5.15
N VAL A 166 -14.90 17.93 -3.82
CA VAL A 166 -15.78 16.92 -3.22
C VAL A 166 -17.19 17.05 -3.75
N ASN A 167 -17.60 18.29 -4.00
CA ASN A 167 -18.95 18.52 -4.50
C ASN A 167 -19.20 17.84 -5.82
N ILE A 168 -18.13 17.60 -6.58
CA ILE A 168 -18.29 17.04 -7.92
C ILE A 168 -17.74 15.63 -8.02
N MET A 169 -17.51 15.00 -6.89
CA MET A 169 -17.08 13.59 -6.86
C MET A 169 -18.16 12.61 -6.40
N LYS A 170 -18.10 11.38 -6.86
CA LYS A 170 -19.00 10.33 -6.36
C LYS A 170 -18.51 9.78 -5.02
N PRO A 171 -19.43 9.30 -4.17
CA PRO A 171 -18.93 8.69 -2.93
C PRO A 171 -18.08 7.47 -3.29
N GLN A 172 -17.20 7.04 -2.38
CA GLN A 172 -16.19 6.01 -2.68
C GLN A 172 -15.13 6.47 -3.68
N SER A 173 -15.14 7.76 -4.00
CA SER A 173 -14.07 8.37 -4.76
C SER A 173 -12.79 8.34 -3.97
N SER A 174 -11.69 8.63 -4.65
CA SER A 174 -10.37 8.49 -4.06
C SER A 174 -9.42 9.57 -4.58
N ILE A 175 -8.59 10.08 -3.68
CA ILE A 175 -7.69 11.20 -3.93
C ILE A 175 -6.27 10.79 -3.52
N ILE A 176 -5.27 11.16 -4.32
CA ILE A 176 -3.88 11.03 -3.89
C ILE A 176 -3.06 12.27 -4.21
N SER A 177 -1.98 12.44 -3.44
CA SER A 177 -0.99 13.47 -3.74
C SER A 177 0.41 12.82 -3.75
N LEU A 178 1.40 13.60 -4.15
CA LEU A 178 2.81 13.18 -4.10
C LEU A 178 3.67 13.89 -3.06
N THR A 179 4.48 13.13 -2.35
CA THR A 179 5.32 13.74 -1.34
C THR A 179 6.72 13.16 -1.42
N TYR A 180 7.58 13.58 -0.51
CA TYR A 180 8.95 13.19 -0.58
C TYR A 180 9.53 13.09 0.83
N HIS A 181 10.43 12.13 1.02
CA HIS A 181 10.97 11.73 2.33
C HIS A 181 11.73 12.83 3.09
N ALA A 182 12.08 13.92 2.40
CA ALA A 182 12.67 15.11 3.02
C ALA A 182 11.78 15.70 4.14
N SER A 183 10.47 15.40 4.10
CA SER A 183 9.56 15.81 5.17
C SER A 183 9.93 15.15 6.50
N GLN A 184 10.46 13.93 6.44
CA GLN A 184 10.70 13.10 7.63
C GLN A 184 12.19 12.98 8.02
N LYS A 185 13.07 13.02 7.03
CA LYS A 185 14.51 12.98 7.26
C LYS A 185 15.22 14.06 6.47
N VAL A 186 16.38 14.51 6.96
CA VAL A 186 17.07 15.66 6.36
C VAL A 186 17.66 15.39 4.96
N VAL A 187 17.16 16.10 3.95
CA VAL A 187 17.80 16.12 2.64
C VAL A 187 18.38 17.52 2.39
N PRO A 188 19.69 17.71 2.68
CA PRO A 188 20.38 18.92 2.26
C PRO A 188 20.18 19.10 0.76
N GLY A 189 19.67 20.26 0.37
CA GLY A 189 19.41 20.55 -1.02
C GLY A 189 17.93 20.69 -1.30
N TYR A 190 17.10 20.04 -0.52
CA TYR A 190 15.65 20.20 -0.71
C TYR A 190 15.23 21.43 0.10
N GLY A 191 15.56 22.61 -0.39
CA GLY A 191 15.40 23.83 0.40
C GLY A 191 14.12 24.61 0.14
N GLY A 192 14.11 25.86 0.55
CA GLY A 192 13.04 26.81 0.24
C GLY A 192 11.72 26.54 0.92
N GLY A 193 11.72 25.67 1.91
CA GLY A 193 10.48 25.28 2.54
C GLY A 193 9.76 24.14 1.83
N MET A 194 10.37 23.54 0.80
CA MET A 194 9.77 22.32 0.21
C MET A 194 9.64 21.15 1.20
N SER A 195 10.63 20.99 2.06
CA SER A 195 10.57 19.97 3.12
C SER A 195 9.41 20.26 4.04
N SER A 196 9.26 21.54 4.40
CA SER A 196 8.18 21.96 5.29
C SER A 196 6.84 21.70 4.65
N ALA A 197 6.75 22.05 3.37
CA ALA A 197 5.55 21.85 2.57
C ALA A 197 5.16 20.38 2.55
N LYS A 198 6.15 19.49 2.36
CA LYS A 198 5.85 18.06 2.32
C LYS A 198 5.39 17.54 3.69
N ALA A 199 6.01 18.04 4.76
CA ALA A 199 5.60 17.64 6.10
C ALA A 199 4.15 18.08 6.34
N ALA A 200 3.81 19.28 5.89
CA ALA A 200 2.44 19.74 6.08
C ALA A 200 1.50 18.90 5.22
N LEU A 201 1.93 18.61 3.98
CA LEU A 201 1.12 17.80 3.08
C LEU A 201 0.76 16.41 3.66
N GLU A 202 1.75 15.76 4.28
CA GLU A 202 1.55 14.43 4.86
C GLU A 202 0.65 14.44 6.09
N SER A 203 0.81 15.45 6.93
CA SER A 203 -0.06 15.61 8.10
C SER A 203 -1.52 15.94 7.70
N ASP A 204 -1.66 16.76 6.65
CA ASP A 204 -2.97 17.20 6.19
C ASP A 204 -3.72 16.02 5.57
N THR A 205 -2.99 15.15 4.88
CA THR A 205 -3.54 13.91 4.34
C THR A 205 -4.25 13.10 5.42
N ARG A 206 -3.67 13.00 6.60
CA ARG A 206 -4.38 12.35 7.71
C ARG A 206 -5.64 13.13 8.10
N VAL A 207 -5.50 14.44 8.25
CA VAL A 207 -6.62 15.19 8.80
C VAL A 207 -7.75 15.17 7.77
N LEU A 208 -7.40 15.43 6.52
CA LEU A 208 -8.34 15.29 5.42
C LEU A 208 -8.99 13.93 5.33
N ALA A 209 -8.19 12.88 5.56
CA ALA A 209 -8.71 11.52 5.60
C ALA A 209 -9.83 11.34 6.63
N TYR A 210 -9.64 11.92 7.81
CA TYR A 210 -10.68 11.87 8.83
C TYR A 210 -11.96 12.55 8.33
N HIS A 211 -11.85 13.81 7.89
CA HIS A 211 -13.00 14.62 7.47
C HIS A 211 -13.71 14.04 6.24
N LEU A 212 -12.95 13.68 5.21
CA LEU A 212 -13.53 13.16 3.97
C LEU A 212 -14.10 11.78 4.19
N GLY A 213 -13.48 11.05 5.11
CA GLY A 213 -13.87 9.68 5.37
C GLY A 213 -15.22 9.66 6.04
N ARG A 214 -15.33 10.38 7.16
CA ARG A 214 -16.54 10.40 7.96
C ARG A 214 -17.65 11.13 7.26
N ASN A 215 -17.32 12.19 6.52
CA ASN A 215 -18.38 13.00 5.93
C ASN A 215 -18.84 12.56 4.57
N TYR A 216 -17.97 11.91 3.80
CA TYR A 216 -18.25 11.70 2.38
C TYR A 216 -17.90 10.32 1.88
N ASN A 217 -17.40 9.46 2.76
CA ASN A 217 -16.85 8.17 2.32
C ASN A 217 -15.85 8.27 1.15
N ILE A 218 -14.97 9.27 1.23
CA ILE A 218 -13.93 9.49 0.27
C ILE A 218 -12.58 9.27 0.94
N ARG A 219 -11.68 8.65 0.20
CA ARG A 219 -10.37 8.27 0.72
C ARG A 219 -9.34 9.25 0.24
N ILE A 220 -8.30 9.47 1.03
CA ILE A 220 -7.18 10.26 0.56
C ILE A 220 -5.88 9.69 1.14
N ASN A 221 -4.88 9.58 0.29
CA ASN A 221 -3.57 9.05 0.66
C ASN A 221 -2.55 9.83 -0.13
N THR A 222 -1.28 9.60 0.19
CA THR A 222 -0.20 10.30 -0.51
C THR A 222 0.91 9.29 -0.84
N ILE A 223 1.60 9.53 -1.95
CA ILE A 223 2.71 8.66 -2.35
C ILE A 223 4.02 9.37 -2.15
N SER A 224 4.88 8.76 -1.33
CA SER A 224 6.21 9.30 -1.15
C SER A 224 7.10 8.62 -2.19
N ALA A 225 7.41 9.37 -3.24
CA ALA A 225 8.17 8.83 -4.36
C ALA A 225 9.68 9.02 -4.23
N GLY A 226 10.42 8.18 -4.93
CA GLY A 226 11.85 8.35 -5.04
C GLY A 226 12.12 9.30 -6.19
N PRO A 227 13.39 9.64 -6.42
CA PRO A 227 13.67 10.67 -7.42
C PRO A 227 13.51 10.17 -8.85
N LEU A 228 13.11 11.08 -9.73
CA LEU A 228 12.88 10.82 -11.13
C LEU A 228 13.39 12.18 -11.57
C LEU A 228 13.77 11.38 -12.25
N LYS A 229 14.10 12.26 -12.68
N LYS A 229 14.14 12.65 -12.11
CA LYS A 229 14.57 13.54 -13.21
C LYS A 229 13.50 13.95 -14.22
N SER A 230 12.65 14.88 -13.78
CA SER A 230 11.50 15.33 -14.54
C SER A 230 11.64 16.79 -14.96
N PHE A 281 21.54 17.89 -7.95
CA PHE A 281 20.82 17.43 -6.76
C PHE A 281 20.03 16.17 -7.07
N ILE A 282 19.15 16.27 -8.06
CA ILE A 282 18.31 15.18 -8.47
C ILE A 282 19.22 14.11 -9.06
N ASP A 283 20.36 14.56 -9.59
CA ASP A 283 21.37 13.67 -10.13
C ASP A 283 22.03 12.89 -9.00
N TYR A 284 22.29 13.59 -7.89
CA TYR A 284 22.84 12.91 -6.73
C TYR A 284 21.83 11.93 -6.15
N ALA A 285 20.60 12.39 -5.94
CA ALA A 285 19.57 11.55 -5.31
C ALA A 285 19.35 10.27 -6.14
N ILE A 286 19.31 10.42 -7.46
CA ILE A 286 19.13 9.29 -8.36
C ILE A 286 20.31 8.31 -8.31
N GLU A 287 21.50 8.87 -8.24
CA GLU A 287 22.72 8.08 -8.16
C GLU A 287 22.80 7.35 -6.84
N TYR A 288 22.51 8.08 -5.77
CA TYR A 288 22.56 7.53 -4.43
C TYR A 288 21.45 6.50 -4.27
N SER A 289 20.27 6.79 -4.84
CA SER A 289 19.15 5.86 -4.76
C SER A 289 19.49 4.54 -5.47
N GLU A 290 20.03 4.64 -6.68
CA GLU A 290 20.34 3.47 -7.50
C GLU A 290 21.49 2.64 -6.97
N LYS A 291 22.33 3.26 -6.16
CA LYS A 291 23.47 2.55 -5.60
C LYS A 291 23.08 1.86 -4.28
N TYR A 292 22.21 2.51 -3.52
CA TYR A 292 21.93 2.05 -2.16
C TYR A 292 20.53 1.52 -1.87
N ALA A 293 19.55 1.75 -2.76
CA ALA A 293 18.22 1.22 -2.52
C ALA A 293 18.23 -0.31 -2.43
N PRO A 294 17.31 -0.91 -1.65
CA PRO A 294 17.24 -2.38 -1.65
C PRO A 294 17.00 -2.96 -3.04
N LEU A 295 16.18 -2.31 -3.87
CA LEU A 295 15.95 -2.78 -5.21
C LEU A 295 16.75 -1.93 -6.17
N ARG A 296 17.54 -2.58 -7.00
CA ARG A 296 18.49 -1.85 -7.81
C ARG A 296 18.01 -1.51 -9.22
N GLN A 297 16.76 -1.85 -9.51
CA GLN A 297 16.12 -1.41 -10.74
C GLN A 297 15.99 0.11 -10.81
N LYS A 298 15.83 0.61 -12.02
CA LYS A 298 15.57 2.03 -12.24
C LYS A 298 14.12 2.35 -11.87
N LEU A 299 13.90 3.38 -11.07
CA LEU A 299 12.56 3.79 -10.68
C LEU A 299 11.90 4.53 -11.83
N LEU A 300 10.70 4.12 -12.20
CA LEU A 300 10.06 4.71 -13.35
C LEU A 300 8.81 5.44 -12.90
N SER A 301 8.41 6.45 -13.66
CA SER A 301 7.21 7.18 -13.30
C SER A 301 6.04 6.22 -13.28
N THR A 302 6.07 5.20 -14.14
CA THR A 302 4.99 4.21 -14.17
C THR A 302 4.97 3.28 -12.95
N ASP A 303 6.08 3.22 -12.20
CA ASP A 303 6.12 2.52 -10.92
C ASP A 303 5.27 3.27 -9.91
N ILE A 304 5.36 4.59 -9.96
CA ILE A 304 4.51 5.43 -9.14
C ILE A 304 3.09 5.33 -9.68
N GLY A 305 2.98 5.28 -11.02
CA GLY A 305 1.70 5.24 -11.70
C GLY A 305 0.81 4.08 -11.29
N SER A 306 1.39 2.88 -11.30
CA SER A 306 0.64 1.68 -10.95
C SER A 306 0.23 1.67 -9.48
N VAL A 307 1.06 2.24 -8.60
CA VAL A 307 0.68 2.34 -7.21
C VAL A 307 -0.48 3.33 -7.07
N ALA A 308 -0.39 4.43 -7.78
CA ALA A 308 -1.44 5.45 -7.76
C ALA A 308 -2.74 4.82 -8.23
N SER A 309 -2.63 4.03 -9.29
CA SER A 309 -3.79 3.41 -9.91
C SER A 309 -4.46 2.50 -8.91
N PHE A 310 -3.65 1.77 -8.17
CA PHE A 310 -4.20 0.90 -7.15
C PHE A 310 -4.88 1.70 -6.03
N LEU A 311 -4.22 2.76 -5.54
CA LEU A 311 -4.78 3.55 -4.44
C LEU A 311 -6.05 4.26 -4.86
N LEU A 312 -6.18 4.50 -6.16
CA LEU A 312 -7.32 5.25 -6.67
C LEU A 312 -8.51 4.33 -6.98
N SER A 313 -8.32 3.02 -6.83
CA SER A 313 -9.34 2.02 -7.16
C SER A 313 -10.02 1.45 -5.91
N ARG A 314 -11.12 0.74 -6.11
CA ARG A 314 -11.78 0.07 -5.00
C ARG A 314 -10.95 -1.06 -4.36
N GLU A 315 -9.89 -1.51 -5.02
CA GLU A 315 -8.95 -2.51 -4.45
C GLU A 315 -8.36 -2.06 -3.10
N SER A 316 -8.25 -0.75 -2.92
CA SER A 316 -7.68 -0.20 -1.71
C SER A 316 -8.72 0.47 -0.80
N ARG A 317 -9.99 0.06 -0.88
CA ARG A 317 -11.10 0.68 -0.11
C ARG A 317 -10.87 0.80 1.39
N ALA A 318 -9.99 -0.03 1.96
CA ALA A 318 -9.69 0.02 3.40
C ALA A 318 -8.40 0.81 3.75
N ILE A 319 -7.79 1.44 2.76
CA ILE A 319 -6.60 2.24 3.00
C ILE A 319 -6.92 3.74 2.88
N THR A 320 -6.71 4.47 3.96
CA THR A 320 -6.84 5.92 3.86
C THR A 320 -5.93 6.65 4.87
N GLY A 321 -5.54 7.87 4.53
CA GLY A 321 -4.71 8.67 5.42
C GLY A 321 -3.25 8.25 5.46
N GLN A 322 -2.83 7.39 4.52
CA GLN A 322 -1.48 6.82 4.57
C GLN A 322 -0.48 7.56 3.69
N THR A 323 0.78 7.49 4.10
CA THR A 323 1.88 7.88 3.26
C THR A 323 2.51 6.59 2.79
N ILE A 324 2.44 6.31 1.49
CA ILE A 324 2.90 5.04 0.94
C ILE A 324 4.22 5.26 0.22
N TYR A 325 5.26 4.51 0.57
CA TYR A 325 6.56 4.74 -0.04
C TYR A 325 6.75 3.92 -1.30
N VAL A 326 7.04 4.62 -2.39
CA VAL A 326 7.31 3.97 -3.68
C VAL A 326 8.66 4.47 -4.18
N ASP A 327 9.74 3.81 -3.75
CA ASP A 327 11.07 4.41 -3.81
C ASP A 327 12.14 3.33 -3.80
N ASN A 328 11.77 2.14 -4.30
CA ASN A 328 12.65 0.97 -4.29
C ASN A 328 13.17 0.60 -2.90
N GLY A 329 12.45 1.07 -1.88
CA GLY A 329 12.78 0.78 -0.50
C GLY A 329 13.87 1.64 0.10
N LEU A 330 14.32 2.69 -0.59
CA LEU A 330 15.43 3.50 -0.09
C LEU A 330 15.19 4.07 1.34
N ASN A 331 13.94 4.46 1.63
CA ASN A 331 13.56 5.03 2.95
C ASN A 331 13.86 4.13 4.17
N ILE A 332 13.99 2.82 3.98
CA ILE A 332 14.23 1.90 5.10
C ILE A 332 15.69 1.88 5.56
N MET A 333 16.59 2.44 4.75
CA MET A 333 18.04 2.38 5.02
C MET A 333 18.52 3.47 6.00
N PHE A 334 19.49 3.14 6.83
CA PHE A 334 20.14 4.11 7.72
C PHE A 334 21.54 4.33 7.23
N LEU A 335 22.34 3.30 7.46
CA LEU A 335 23.75 3.29 7.11
C LEU A 335 23.95 2.68 5.72
N PRO A 336 24.34 3.54 4.76
CA PRO A 336 24.81 3.08 3.44
C PRO A 336 26.11 2.32 3.63
N ASP A 337 26.29 1.21 2.90
CA ASP A 337 27.51 0.41 2.99
C ASP A 337 28.38 0.52 1.72
N GLU B 10 2.51 -18.66 -15.32
CA GLU B 10 1.36 -18.31 -14.48
C GLU B 10 1.60 -18.52 -12.97
N ASP B 11 1.23 -17.48 -12.20
CA ASP B 11 1.59 -17.32 -10.78
C ASP B 11 1.13 -18.41 -9.81
N ILE B 12 2.03 -18.78 -8.91
CA ILE B 12 1.70 -19.68 -7.82
C ILE B 12 2.01 -19.02 -6.48
N CYS B 13 1.07 -19.08 -5.57
CA CYS B 13 1.27 -18.55 -4.21
C CYS B 13 1.15 -19.59 -3.09
N PHE B 14 2.13 -19.62 -2.21
CA PHE B 14 2.01 -20.39 -0.97
C PHE B 14 1.53 -19.52 0.17
N ILE B 15 0.41 -19.90 0.74
CA ILE B 15 -0.18 -19.21 1.89
C ILE B 15 -0.03 -20.05 3.15
N ALA B 16 0.82 -19.58 4.07
CA ALA B 16 1.08 -20.28 5.32
C ALA B 16 0.25 -19.69 6.45
N GLY B 17 -0.69 -20.47 6.97
CA GLY B 17 -1.55 -20.03 8.05
C GLY B 17 -3.03 -19.95 7.68
N ILE B 18 -3.60 -21.06 7.25
CA ILE B 18 -5.04 -21.12 7.05
C ILE B 18 -5.55 -22.20 7.97
N GLY B 19 -6.66 -21.95 8.64
CA GLY B 19 -7.28 -22.98 9.45
C GLY B 19 -8.75 -23.17 9.11
N ASP B 20 -9.32 -22.21 8.38
CA ASP B 20 -10.76 -22.17 8.14
C ASP B 20 -10.96 -21.03 7.19
N THR B 21 -12.20 -20.61 7.02
CA THR B 21 -12.51 -19.58 6.05
C THR B 21 -12.73 -18.21 6.73
N ASN B 22 -12.39 -18.14 8.01
CA ASN B 22 -12.75 -16.97 8.81
C ASN B 22 -11.64 -15.97 9.03
N GLY B 23 -10.43 -16.29 8.56
CA GLY B 23 -9.27 -15.46 8.79
C GLY B 23 -8.80 -14.68 7.58
N TYR B 24 -7.69 -13.99 7.74
CA TYR B 24 -7.10 -13.23 6.64
C TYR B 24 -6.52 -14.10 5.52
N GLY B 25 -5.99 -15.25 5.89
CA GLY B 25 -5.47 -16.18 4.91
C GLY B 25 -6.48 -16.57 3.85
N TRP B 26 -7.73 -16.77 4.27
CA TRP B 26 -8.76 -17.17 3.31
C TRP B 26 -9.14 -16.01 2.40
N GLY B 27 -9.26 -14.82 2.97
CA GLY B 27 -9.56 -13.64 2.19
C GLY B 27 -8.47 -13.34 1.19
N ILE B 28 -7.23 -13.61 1.54
CA ILE B 28 -6.09 -13.38 0.65
C ILE B 28 -6.16 -14.40 -0.48
N ALA B 29 -6.38 -15.67 -0.12
CA ALA B 29 -6.57 -16.73 -1.11
C ALA B 29 -7.66 -16.37 -2.10
N LYS B 30 -8.80 -15.96 -1.57
CA LYS B 30 -9.96 -15.63 -2.38
C LYS B 30 -9.66 -14.53 -3.39
N GLU B 31 -8.95 -13.50 -2.95
CA GLU B 31 -8.62 -12.37 -3.84
C GLU B 31 -7.53 -12.73 -4.85
N LEU B 32 -6.58 -13.57 -4.43
CA LEU B 32 -5.57 -14.03 -5.37
C LEU B 32 -6.19 -14.88 -6.47
N SER B 33 -7.17 -15.71 -6.11
CA SER B 33 -7.88 -16.56 -7.08
C SER B 33 -8.54 -15.72 -8.16
N LYS B 34 -9.08 -14.59 -7.74
CA LYS B 34 -9.76 -13.67 -8.64
C LYS B 34 -8.83 -13.24 -9.76
N ARG B 35 -7.53 -13.28 -9.49
CA ARG B 35 -6.52 -12.86 -10.47
CA ARG B 35 -6.53 -12.85 -10.47
C ARG B 35 -5.87 -14.08 -11.10
N ASN B 36 -6.51 -15.24 -10.93
CA ASN B 36 -6.04 -16.49 -11.55
C ASN B 36 -4.65 -16.86 -11.08
N VAL B 37 -4.37 -16.57 -9.82
CA VAL B 37 -3.17 -17.04 -9.18
C VAL B 37 -3.45 -18.44 -8.63
N LYS B 38 -2.53 -19.37 -8.79
CA LYS B 38 -2.68 -20.69 -8.20
C LYS B 38 -2.25 -20.65 -6.74
N ILE B 39 -3.10 -21.18 -5.86
CA ILE B 39 -2.86 -21.10 -4.44
C ILE B 39 -2.63 -22.45 -3.79
N ILE B 40 -1.57 -22.52 -3.00
CA ILE B 40 -1.25 -23.70 -2.20
C ILE B 40 -1.42 -23.35 -0.72
N PHE B 41 -2.23 -24.13 0.01
CA PHE B 41 -2.45 -23.86 1.44
C PHE B 41 -1.45 -24.62 2.30
N GLY B 42 -0.88 -23.95 3.31
CA GLY B 42 -0.04 -24.58 4.32
C GLY B 42 -0.84 -24.56 5.61
N ILE B 43 -1.19 -25.73 6.11
CA ILE B 43 -2.18 -25.84 7.18
C ILE B 43 -1.54 -26.51 8.39
N TRP B 44 -1.65 -25.86 9.54
CA TRP B 44 -1.10 -26.34 10.80
C TRP B 44 -1.67 -27.75 11.11
N PRO B 45 -0.80 -28.70 11.47
CA PRO B 45 -1.31 -30.07 11.69
C PRO B 45 -2.40 -30.22 12.75
N PRO B 46 -2.36 -29.47 13.88
CA PRO B 46 -3.50 -29.61 14.78
C PRO B 46 -4.88 -29.42 14.11
N VAL B 47 -4.98 -28.64 13.04
CA VAL B 47 -6.29 -28.40 12.40
C VAL B 47 -6.39 -29.01 11.00
N TYR B 48 -5.34 -29.70 10.56
CA TYR B 48 -5.28 -30.17 9.17
C TYR B 48 -6.42 -31.13 8.76
N ASN B 49 -6.67 -32.15 9.57
CA ASN B 49 -7.67 -33.16 9.24
C ASN B 49 -9.08 -32.57 9.24
N ILE B 50 -9.35 -31.79 10.27
CA ILE B 50 -10.61 -31.09 10.38
C ILE B 50 -10.84 -30.23 9.14
N PHE B 51 -9.82 -29.48 8.72
CA PHE B 51 -9.95 -28.63 7.55
C PHE B 51 -10.25 -29.41 6.27
N MET B 52 -9.51 -30.49 6.04
CA MET B 52 -9.66 -31.27 4.83
C MET B 52 -11.04 -31.92 4.75
N LYS B 53 -11.50 -32.44 5.87
CA LYS B 53 -12.80 -33.10 5.97
C LYS B 53 -13.88 -32.07 5.64
N ASN B 54 -13.77 -30.89 6.24
CA ASN B 54 -14.73 -29.83 6.00
C ASN B 54 -14.73 -29.47 4.55
N TYR B 55 -13.54 -29.31 4.01
CA TYR B 55 -13.39 -29.00 2.59
C TYR B 55 -13.99 -30.07 1.69
N LYS B 56 -13.68 -31.34 1.98
CA LYS B 56 -14.13 -32.45 1.15
C LYS B 56 -15.64 -32.65 1.25
N ASN B 57 -16.22 -32.34 2.41
CA ASN B 57 -17.67 -32.37 2.57
C ASN B 57 -18.39 -31.12 2.07
N GLY B 58 -17.71 -30.30 1.27
CA GLY B 58 -18.33 -29.13 0.67
C GLY B 58 -18.72 -28.01 1.62
N LYS B 59 -18.36 -28.11 2.90
CA LYS B 59 -18.64 -27.06 3.88
C LYS B 59 -18.07 -25.66 3.49
N PHE B 60 -17.06 -25.64 2.63
CA PHE B 60 -16.44 -24.36 2.30
C PHE B 60 -16.93 -23.87 0.94
N ASP B 61 -17.96 -24.53 0.40
CA ASP B 61 -18.36 -24.28 -0.98
C ASP B 61 -18.92 -22.88 -1.20
N ASN B 62 -19.75 -22.41 -0.26
CA ASN B 62 -20.28 -21.06 -0.30
C ASN B 62 -19.14 -20.09 -0.16
N ASP B 63 -18.25 -20.39 0.77
CA ASP B 63 -17.11 -19.56 1.04
C ASP B 63 -16.16 -19.42 -0.15
N MET B 64 -16.12 -20.42 -1.03
CA MET B 64 -15.26 -20.32 -2.21
C MET B 64 -15.90 -19.52 -3.35
N ILE B 65 -17.19 -19.22 -3.20
CA ILE B 65 -17.85 -18.41 -4.21
C ILE B 65 -17.25 -17.00 -4.25
N ILE B 66 -16.56 -16.70 -5.34
CA ILE B 66 -16.02 -15.35 -5.58
C ILE B 66 -17.10 -14.38 -6.02
N ASP B 67 -17.70 -14.66 -7.19
CA ASP B 67 -18.83 -13.88 -7.70
C ASP B 67 -19.85 -14.78 -8.39
N LYS B 68 -20.80 -14.17 -9.08
CA LYS B 68 -21.90 -14.90 -9.70
C LYS B 68 -21.46 -15.95 -10.71
N ASP B 69 -20.19 -15.90 -11.13
CA ASP B 69 -19.69 -16.85 -12.14
C ASP B 69 -18.35 -17.49 -11.80
N LYS B 70 -17.78 -17.13 -10.64
CA LYS B 70 -16.41 -17.55 -10.31
C LYS B 70 -16.26 -18.14 -8.91
N LYS B 71 -15.54 -19.27 -8.83
CA LYS B 71 -15.24 -19.91 -7.55
C LYS B 71 -13.72 -20.10 -7.39
N MET B 72 -13.26 -20.10 -6.14
CA MET B 72 -11.84 -20.30 -5.87
CA MET B 72 -11.84 -20.30 -5.84
C MET B 72 -11.37 -21.65 -6.37
N ASN B 73 -10.15 -21.68 -6.90
CA ASN B 73 -9.54 -22.95 -7.27
C ASN B 73 -8.28 -23.12 -6.45
N ILE B 74 -8.13 -24.28 -5.82
CA ILE B 74 -7.02 -24.55 -4.92
C ILE B 74 -6.09 -25.66 -5.39
N LEU B 75 -4.87 -25.27 -5.76
CA LEU B 75 -3.89 -26.19 -6.31
C LEU B 75 -3.50 -27.33 -5.37
N ASP B 76 -3.42 -27.04 -4.08
CA ASP B 76 -2.99 -28.05 -3.11
C ASP B 76 -3.20 -27.56 -1.71
N MET B 77 -3.16 -28.51 -0.79
CA MET B 77 -3.35 -28.26 0.63
C MET B 77 -2.35 -29.13 1.37
N LEU B 78 -1.43 -28.52 2.11
CA LEU B 78 -0.32 -29.28 2.70
C LEU B 78 -0.19 -29.03 4.19
N PRO B 79 0.04 -30.09 4.95
CA PRO B 79 0.29 -29.93 6.38
C PRO B 79 1.57 -29.12 6.57
N PHE B 80 1.56 -28.18 7.50
CA PHE B 80 2.67 -27.24 7.63
C PHE B 80 2.77 -26.68 9.05
N ASP B 81 3.96 -26.77 9.63
CA ASP B 81 4.19 -26.21 10.97
C ASP B 81 5.43 -25.32 10.98
N ALA B 82 5.21 -24.02 11.16
CA ALA B 82 6.26 -23.01 11.13
C ALA B 82 7.20 -23.03 12.33
N SER B 83 6.94 -23.89 13.32
CA SER B 83 7.82 -24.05 14.48
C SER B 83 9.10 -24.78 14.08
N PHE B 84 8.99 -25.55 13.01
CA PHE B 84 10.06 -26.44 12.64
C PHE B 84 10.74 -26.03 11.35
N ASP B 85 12.02 -25.72 11.43
CA ASP B 85 12.81 -25.37 10.26
C ASP B 85 13.11 -26.56 9.37
N THR B 86 13.66 -27.63 9.95
CA THR B 86 13.91 -28.87 9.22
C THR B 86 13.40 -30.09 10.00
N ALA B 87 13.43 -31.25 9.37
CA ALA B 87 13.01 -32.48 10.03
C ALA B 87 13.81 -32.75 11.30
N ASN B 88 15.05 -32.31 11.33
CA ASN B 88 15.84 -32.57 12.51
C ASN B 88 15.38 -31.76 13.70
N ASP B 89 14.61 -30.69 13.47
CA ASP B 89 14.15 -29.87 14.58
C ASP B 89 12.93 -30.48 15.28
N ILE B 90 12.27 -31.44 14.64
CA ILE B 90 11.05 -31.97 15.23
C ILE B 90 11.34 -32.86 16.44
N ASP B 91 10.87 -32.46 17.62
CA ASP B 91 11.03 -33.25 18.83
C ASP B 91 10.21 -34.54 18.75
N GLU B 92 10.71 -35.61 19.36
CA GLU B 92 10.02 -36.89 19.32
C GLU B 92 8.56 -36.82 19.77
N GLU B 93 8.29 -36.05 20.83
CA GLU B 93 6.93 -35.99 21.34
C GLU B 93 5.95 -35.50 20.27
N THR B 94 6.32 -34.44 19.56
CA THR B 94 5.52 -33.91 18.47
C THR B 94 5.42 -34.90 17.33
N LYS B 95 6.56 -35.50 16.99
CA LYS B 95 6.66 -36.38 15.83
C LYS B 95 5.70 -37.54 15.99
N ASN B 96 5.48 -37.93 17.25
CA ASN B 96 4.63 -39.06 17.56
C ASN B 96 3.23 -38.68 18.06
N ASN B 97 3.00 -37.40 18.25
CA ASN B 97 1.70 -36.91 18.67
C ASN B 97 0.55 -37.34 17.73
N LYS B 98 -0.60 -37.61 18.35
CA LYS B 98 -1.83 -38.06 17.67
C LYS B 98 -2.22 -37.32 16.37
N ARG B 99 -1.91 -36.03 16.29
CA ARG B 99 -2.29 -35.29 15.08
C ARG B 99 -1.16 -35.14 14.07
N TYR B 100 0.08 -35.35 14.51
CA TYR B 100 1.25 -35.22 13.63
C TYR B 100 1.76 -36.55 13.09
N ASN B 101 1.54 -37.62 13.84
CA ASN B 101 2.19 -38.89 13.55
C ASN B 101 1.91 -39.46 12.16
N MET B 102 0.73 -39.17 11.63
CA MET B 102 0.31 -39.63 10.31
C MET B 102 0.74 -38.69 9.17
N LEU B 103 1.31 -37.54 9.50
CA LEU B 103 1.62 -36.50 8.52
C LEU B 103 3.11 -36.47 8.20
N GLN B 104 3.47 -35.96 7.03
CA GLN B 104 4.89 -35.81 6.71
C GLN B 104 5.24 -34.54 5.90
N ASN B 105 6.54 -34.24 5.80
CA ASN B 105 7.02 -33.07 5.06
C ASN B 105 6.38 -31.74 5.45
N TYR B 106 6.27 -31.54 6.75
CA TYR B 106 5.57 -30.39 7.27
C TYR B 106 6.51 -29.34 7.89
N THR B 107 7.82 -29.59 7.90
CA THR B 107 8.74 -28.54 8.31
C THR B 107 8.83 -27.52 7.22
N ILE B 108 9.45 -26.40 7.56
CA ILE B 108 9.66 -25.32 6.61
C ILE B 108 10.52 -25.78 5.41
N GLU B 109 11.63 -26.44 5.69
CA GLU B 109 12.46 -26.96 4.61
C GLU B 109 11.74 -28.02 3.75
N ASP B 110 11.09 -28.98 4.40
CA ASP B 110 10.45 -30.08 3.64
C ASP B 110 9.31 -29.60 2.77
N VAL B 111 8.55 -28.62 3.24
CA VAL B 111 7.40 -28.15 2.49
C VAL B 111 7.89 -27.36 1.27
N ALA B 112 9.00 -26.62 1.45
CA ALA B 112 9.61 -25.91 0.33
C ALA B 112 10.06 -26.91 -0.73
N ASN B 113 10.78 -27.96 -0.31
CA ASN B 113 11.22 -28.99 -1.25
C ASN B 113 10.05 -29.65 -1.95
N LEU B 114 9.04 -30.01 -1.19
CA LEU B 114 7.87 -30.67 -1.74
C LEU B 114 7.18 -29.81 -2.81
N ILE B 115 6.97 -28.54 -2.52
CA ILE B 115 6.30 -27.64 -3.44
C ILE B 115 7.12 -27.50 -4.72
N HIS B 116 8.43 -27.36 -4.55
CA HIS B 116 9.31 -27.24 -5.69
C HIS B 116 9.23 -28.50 -6.58
N GLN B 117 9.31 -29.66 -5.94
CA GLN B 117 9.23 -30.93 -6.65
C GLN B 117 7.91 -31.09 -7.38
N LYS B 118 6.81 -30.76 -6.72
CA LYS B 118 5.51 -30.92 -7.36
C LYS B 118 5.24 -29.87 -8.43
N TYR B 119 5.65 -28.62 -8.21
CA TYR B 119 5.16 -27.53 -9.05
C TYR B 119 6.22 -26.61 -9.67
N GLY B 120 7.49 -26.84 -9.35
CA GLY B 120 8.55 -25.94 -9.75
C GLY B 120 8.64 -24.71 -8.86
N LYS B 121 9.29 -23.65 -9.36
CA LYS B 121 9.45 -22.41 -8.61
C LYS B 121 8.15 -21.63 -8.50
N ILE B 122 7.93 -21.01 -7.36
CA ILE B 122 6.73 -20.20 -7.20
C ILE B 122 7.14 -18.74 -7.15
N ASN B 123 6.18 -17.83 -7.09
CA ASN B 123 6.53 -16.43 -7.16
C ASN B 123 5.88 -15.55 -6.09
N MET B 124 5.12 -16.18 -5.20
CA MET B 124 4.43 -15.45 -4.16
C MET B 124 4.35 -16.28 -2.87
N LEU B 125 4.57 -15.60 -1.76
CA LEU B 125 4.61 -16.22 -0.45
C LEU B 125 3.84 -15.34 0.54
N VAL B 126 2.92 -15.95 1.26
CA VAL B 126 2.16 -15.26 2.30
C VAL B 126 2.39 -15.91 3.66
N HIS B 127 2.84 -15.12 4.61
CA HIS B 127 2.94 -15.53 6.00
C HIS B 127 1.71 -14.95 6.66
N SER B 128 0.80 -15.80 7.12
CA SER B 128 -0.41 -15.33 7.76
CA SER B 128 -0.41 -15.32 7.77
C SER B 128 -0.69 -16.13 9.02
N LEU B 129 0.27 -16.11 9.95
CA LEU B 129 0.12 -16.89 11.15
C LEU B 129 0.76 -16.22 12.35
N ALA B 130 0.30 -16.62 13.52
CA ALA B 130 0.86 -16.15 14.76
C ALA B 130 0.42 -17.10 15.86
N ASN B 131 1.16 -17.07 16.95
CA ASN B 131 0.84 -17.89 18.10
C ASN B 131 1.59 -17.34 19.30
N ALA B 132 0.95 -17.45 20.45
CA ALA B 132 1.57 -17.06 21.70
C ALA B 132 0.83 -17.77 22.82
N LYS B 133 1.51 -18.70 23.48
CA LYS B 133 0.91 -19.47 24.56
C LYS B 133 0.24 -18.61 25.65
N GLU B 134 0.82 -17.44 25.89
CA GLU B 134 0.43 -16.65 27.04
C GLU B 134 -0.22 -15.33 26.66
N VAL B 135 -0.91 -15.31 25.52
CA VAL B 135 -1.49 -14.07 25.01
C VAL B 135 -2.41 -13.40 26.03
N GLN B 136 -2.96 -14.20 26.93
CA GLN B 136 -3.94 -13.72 27.90
C GLN B 136 -3.28 -13.02 29.07
N LYS B 137 -1.96 -13.05 29.15
CA LYS B 137 -1.25 -12.39 30.22
C LYS B 137 -0.76 -11.05 29.71
N ASP B 138 -0.70 -10.04 30.56
CA ASP B 138 -0.09 -8.83 30.07
C ASP B 138 1.44 -8.99 30.06
N LEU B 139 2.11 -8.15 29.28
CA LEU B 139 3.51 -8.36 28.93
C LEU B 139 4.37 -8.54 30.17
N LEU B 140 4.12 -7.67 31.15
CA LEU B 140 4.89 -7.63 32.39
C LEU B 140 4.85 -8.97 33.11
N ASN B 141 3.74 -9.68 32.94
CA ASN B 141 3.51 -10.97 33.56
C ASN B 141 3.75 -12.17 32.64
N THR B 142 4.39 -11.94 31.50
CA THR B 142 4.64 -13.03 30.55
C THR B 142 5.94 -13.71 30.95
N SER B 143 5.94 -15.05 30.90
CA SER B 143 7.14 -15.81 31.23
C SER B 143 8.16 -15.75 30.10
N ARG B 144 9.41 -16.09 30.39
CA ARG B 144 10.45 -16.05 29.38
C ARG B 144 10.08 -17.00 28.27
N LYS B 145 9.68 -18.20 28.69
CA LYS B 145 9.34 -19.27 27.77
C LYS B 145 8.16 -18.85 26.86
N GLY B 146 7.12 -18.31 27.45
CA GLY B 146 5.98 -17.82 26.68
C GLY B 146 6.35 -16.71 25.71
N TYR B 147 7.17 -15.74 26.17
CA TYR B 147 7.61 -14.62 25.33
C TYR B 147 8.37 -15.17 24.11
N LEU B 148 9.31 -16.06 24.39
CA LEU B 148 10.15 -16.63 23.34
C LEU B 148 9.33 -17.52 22.40
N ASP B 149 8.32 -18.20 22.93
CA ASP B 149 7.36 -18.96 22.11
C ASP B 149 6.70 -18.05 21.09
N ALA B 150 6.21 -16.91 21.55
CA ALA B 150 5.55 -15.95 20.67
C ALA B 150 6.49 -15.47 19.55
N LEU B 151 7.69 -15.05 19.94
CA LEU B 151 8.69 -14.59 18.99
C LEU B 151 9.05 -15.66 17.95
N SER B 152 9.28 -16.89 18.44
CA SER B 152 9.64 -18.03 17.59
C SER B 152 8.59 -18.32 16.51
N LYS B 153 7.36 -18.41 16.97
CA LYS B 153 6.25 -18.84 16.13
C LYS B 153 5.76 -17.71 15.22
N SER B 154 5.68 -16.50 15.77
CA SER B 154 5.06 -15.34 15.08
C SER B 154 6.05 -14.48 14.29
N SER B 155 7.32 -14.54 14.65
CA SER B 155 8.31 -13.67 14.00
C SER B 155 9.43 -14.44 13.32
N TYR B 156 10.14 -15.31 14.04
CA TYR B 156 11.26 -16.02 13.44
C TYR B 156 10.81 -16.85 12.28
N SER B 157 9.60 -17.36 12.40
CA SER B 157 9.01 -18.20 11.36
C SER B 157 9.05 -17.48 10.02
N LEU B 158 8.86 -16.16 10.02
CA LEU B 158 8.94 -15.40 8.78
C LEU B 158 10.34 -15.44 8.20
N ILE B 159 11.33 -15.18 9.04
CA ILE B 159 12.71 -15.24 8.61
C ILE B 159 13.07 -16.60 7.98
N SER B 160 12.66 -17.67 8.64
CA SER B 160 13.02 -19.00 8.18
C SER B 160 12.25 -19.37 6.92
N LEU B 161 10.99 -18.95 6.84
CA LEU B 161 10.19 -19.18 5.64
C LEU B 161 10.93 -18.61 4.45
N CYS B 162 11.50 -17.42 4.66
CA CYS B 162 12.25 -16.71 3.63
C CYS B 162 13.52 -17.45 3.25
N LYS B 163 14.30 -17.84 4.25
CA LYS B 163 15.56 -18.48 3.96
C LYS B 163 15.35 -19.71 3.05
N TYR B 164 14.36 -20.52 3.39
CA TYR B 164 14.10 -21.71 2.59
C TYR B 164 13.37 -21.46 1.28
N PHE B 165 12.46 -20.51 1.24
CA PHE B 165 11.69 -20.30 0.02
C PHE B 165 12.41 -19.50 -1.06
N VAL B 166 13.43 -18.72 -0.70
CA VAL B 166 14.05 -17.86 -1.72
C VAL B 166 14.72 -18.71 -2.78
N ASN B 167 14.97 -19.97 -2.44
CA ASN B 167 15.57 -20.89 -3.39
C ASN B 167 14.53 -21.48 -4.32
N ILE B 168 13.27 -21.38 -3.96
CA ILE B 168 12.25 -21.90 -4.83
C ILE B 168 11.44 -20.79 -5.43
N MET B 169 12.00 -19.57 -5.37
CA MET B 169 11.30 -18.46 -5.98
C MET B 169 12.05 -17.81 -7.14
N LYS B 170 11.28 -17.34 -8.11
CA LYS B 170 11.82 -16.58 -9.20
C LYS B 170 12.26 -15.18 -8.73
N PRO B 171 13.16 -14.53 -9.49
CA PRO B 171 13.43 -13.11 -9.26
C PRO B 171 12.15 -12.32 -9.47
N GLN B 172 12.05 -11.15 -8.85
CA GLN B 172 10.85 -10.30 -8.92
C GLN B 172 9.65 -10.87 -8.19
N SER B 173 9.85 -12.01 -7.52
CA SER B 173 8.84 -12.56 -6.62
C SER B 173 8.63 -11.62 -5.42
N SER B 174 7.61 -11.93 -4.63
CA SER B 174 7.12 -11.01 -3.60
C SER B 174 6.58 -11.81 -2.42
N ILE B 175 6.88 -11.31 -1.22
CA ILE B 175 6.53 -11.95 0.05
C ILE B 175 5.77 -10.93 0.90
N ILE B 176 4.70 -11.36 1.57
CA ILE B 176 4.03 -10.51 2.54
C ILE B 176 3.73 -11.29 3.82
N SER B 177 3.65 -10.54 4.93
CA SER B 177 3.13 -11.06 6.18
C SER B 177 2.08 -10.09 6.71
N LEU B 178 1.51 -10.45 7.86
CA LEU B 178 0.53 -9.60 8.55
C LEU B 178 0.96 -9.24 9.95
N THR B 179 0.68 -8.00 10.30
CA THR B 179 1.04 -7.49 11.60
C THR B 179 -0.15 -6.69 12.14
N TYR B 180 0.05 -6.10 13.30
CA TYR B 180 -1.00 -5.38 14.00
C TYR B 180 -0.36 -4.20 14.74
N HIS B 181 -1.10 -3.10 14.81
CA HIS B 181 -0.60 -1.81 15.28
C HIS B 181 -0.16 -1.78 16.76
N ALA B 182 -0.51 -2.81 17.52
CA ALA B 182 -0.02 -2.95 18.90
C ALA B 182 1.51 -2.98 19.02
N SER B 183 2.21 -3.26 17.91
CA SER B 183 3.66 -3.15 17.87
C SER B 183 4.14 -1.71 18.13
N GLN B 184 3.33 -0.75 17.69
CA GLN B 184 3.72 0.67 17.67
C GLN B 184 3.00 1.48 18.74
N LYS B 185 1.79 1.07 19.08
CA LYS B 185 1.02 1.78 20.11
C LYS B 185 0.37 0.82 21.06
N VAL B 186 0.14 1.27 22.28
CA VAL B 186 -0.27 0.33 23.30
C VAL B 186 -1.72 -0.15 23.15
N VAL B 187 -1.88 -1.47 23.05
CA VAL B 187 -3.18 -2.09 23.09
C VAL B 187 -3.11 -3.06 24.24
N PRO B 188 -3.63 -2.68 25.40
N PRO B 188 -3.71 -2.66 25.36
CA PRO B 188 -3.31 -3.44 26.64
CA PRO B 188 -4.01 -3.53 26.49
C PRO B 188 -3.61 -4.96 26.61
C PRO B 188 -4.89 -4.65 25.97
N GLY B 189 -4.68 -5.37 25.91
N GLY B 189 -4.53 -5.88 26.34
CA GLY B 189 -5.13 -6.76 25.94
CA GLY B 189 -5.25 -7.04 25.88
C GLY B 189 -4.38 -7.71 25.03
C GLY B 189 -4.42 -7.81 24.89
N TYR B 190 -3.46 -7.15 24.24
CA TYR B 190 -2.66 -7.85 23.26
C TYR B 190 -1.38 -8.40 23.91
N GLY B 191 -1.54 -9.42 24.75
CA GLY B 191 -0.45 -9.82 25.62
C GLY B 191 0.49 -10.92 25.17
N GLY B 192 1.18 -11.51 26.14
CA GLY B 192 2.06 -12.63 25.91
C GLY B 192 3.21 -12.37 24.97
N GLY B 193 3.55 -11.11 24.74
CA GLY B 193 4.61 -10.78 23.79
C GLY B 193 4.21 -10.83 22.32
N MET B 194 2.92 -10.91 22.03
CA MET B 194 2.46 -10.71 20.67
C MET B 194 2.88 -9.32 20.18
N SER B 195 2.71 -8.30 21.02
CA SER B 195 3.08 -6.94 20.62
C SER B 195 4.56 -6.92 20.24
N SER B 196 5.36 -7.61 21.06
CA SER B 196 6.80 -7.70 20.84
C SER B 196 7.08 -8.42 19.54
N ALA B 197 6.38 -9.53 19.34
CA ALA B 197 6.54 -10.31 18.13
C ALA B 197 6.23 -9.49 16.87
N LYS B 198 5.17 -8.69 16.91
CA LYS B 198 4.81 -7.88 15.74
C LYS B 198 5.85 -6.76 15.52
N ALA B 199 6.44 -6.26 16.61
CA ALA B 199 7.43 -5.19 16.48
C ALA B 199 8.65 -5.75 15.81
N ALA B 200 9.03 -6.95 16.22
CA ALA B 200 10.18 -7.63 15.62
C ALA B 200 9.92 -7.91 14.16
N LEU B 201 8.72 -8.42 13.88
CA LEU B 201 8.35 -8.77 12.51
C LEU B 201 8.41 -7.57 11.55
N GLU B 202 8.00 -6.40 12.04
CA GLU B 202 8.01 -5.17 11.25
C GLU B 202 9.44 -4.69 10.98
N SER B 203 10.29 -4.80 11.98
CA SER B 203 11.71 -4.47 11.85
C SER B 203 12.42 -5.47 10.93
N ASP B 204 12.11 -6.75 11.11
CA ASP B 204 12.73 -7.79 10.31
C ASP B 204 12.32 -7.66 8.86
N THR B 205 11.09 -7.20 8.63
CA THR B 205 10.60 -6.96 7.27
C THR B 205 11.54 -5.98 6.51
N ARG B 206 11.97 -4.92 7.19
CA ARG B 206 12.95 -4.00 6.62
C ARG B 206 14.30 -4.66 6.36
N VAL B 207 14.88 -5.26 7.41
CA VAL B 207 16.17 -5.90 7.28
C VAL B 207 16.14 -6.98 6.19
N LEU B 208 15.07 -7.77 6.15
CA LEU B 208 14.92 -8.78 5.12
C LEU B 208 14.76 -8.15 3.73
N ALA B 209 14.10 -6.99 3.64
CA ALA B 209 13.91 -6.36 2.33
C ALA B 209 15.25 -5.93 1.75
N TYR B 210 16.17 -5.54 2.63
CA TYR B 210 17.48 -5.16 2.16
C TYR B 210 18.20 -6.37 1.54
N HIS B 211 18.27 -7.45 2.32
CA HIS B 211 18.99 -8.66 1.93
CA HIS B 211 19.00 -8.64 1.92
C HIS B 211 18.38 -9.32 0.69
N LEU B 212 17.06 -9.55 0.72
CA LEU B 212 16.35 -10.16 -0.41
C LEU B 212 16.36 -9.30 -1.68
N GLY B 213 16.26 -7.99 -1.50
CA GLY B 213 16.24 -7.10 -2.64
C GLY B 213 17.58 -7.09 -3.35
N ARG B 214 18.66 -6.93 -2.59
CA ARG B 214 19.99 -6.85 -3.16
C ARG B 214 20.50 -8.15 -3.74
N ASN B 215 20.20 -9.27 -3.08
CA ASN B 215 20.77 -10.54 -3.50
C ASN B 215 19.87 -11.35 -4.42
N TYR B 216 18.58 -11.02 -4.45
CA TYR B 216 17.63 -11.89 -5.13
C TYR B 216 16.61 -11.17 -5.96
N ASN B 217 16.60 -9.84 -5.87
CA ASN B 217 15.51 -9.07 -6.47
C ASN B 217 14.11 -9.54 -6.00
N ILE B 218 14.02 -9.96 -4.74
CA ILE B 218 12.73 -10.34 -4.14
C ILE B 218 12.24 -9.27 -3.17
N ARG B 219 10.94 -8.97 -3.20
CA ARG B 219 10.41 -7.94 -2.31
C ARG B 219 9.72 -8.55 -1.09
N ILE B 220 9.72 -7.82 0.02
CA ILE B 220 8.95 -8.23 1.19
C ILE B 220 8.31 -7.03 1.84
N ASN B 221 7.04 -7.17 2.24
CA ASN B 221 6.30 -6.11 2.95
C ASN B 221 5.42 -6.74 4.00
N THR B 222 4.81 -5.93 4.85
CA THR B 222 3.88 -6.48 5.82
C THR B 222 2.61 -5.63 5.85
N ILE B 223 1.46 -6.28 6.02
CA ILE B 223 0.19 -5.57 6.09
C ILE B 223 -0.26 -5.47 7.53
N SER B 224 -0.41 -4.24 8.03
CA SER B 224 -0.93 -4.02 9.38
C SER B 224 -2.44 -3.95 9.27
N ALA B 225 -3.12 -5.02 9.64
CA ALA B 225 -4.55 -5.11 9.40
C ALA B 225 -5.33 -4.56 10.59
N GLY B 226 -6.56 -4.13 10.32
CA GLY B 226 -7.48 -3.80 11.39
C GLY B 226 -8.07 -5.09 11.94
N PRO B 227 -8.99 -4.99 12.91
CA PRO B 227 -9.51 -6.17 13.58
C PRO B 227 -10.48 -6.98 12.74
N LEU B 228 -10.42 -8.29 12.93
CA LEU B 228 -11.25 -9.24 12.18
C LEU B 228 -11.58 -10.39 13.13
N LYS B 229 -12.82 -10.84 13.12
CA LYS B 229 -13.25 -11.86 14.08
C LYS B 229 -12.91 -13.28 13.57
N SER B 230 -11.63 -13.59 13.61
CA SER B 230 -11.11 -14.88 13.15
C SER B 230 -11.10 -15.83 14.34
N ARG B 231 -10.82 -17.11 14.12
CA ARG B 231 -10.72 -18.03 15.26
C ARG B 231 -9.65 -17.55 16.22
N ALA B 232 -8.46 -17.26 15.70
CA ALA B 232 -7.35 -16.86 16.56
C ALA B 232 -7.58 -15.54 17.31
N ALA B 233 -8.38 -14.65 16.75
CA ALA B 233 -8.66 -13.39 17.45
C ALA B 233 -9.58 -13.67 18.64
N THR B 234 -10.39 -14.71 18.52
CA THR B 234 -11.27 -15.14 19.59
C THR B 234 -10.46 -15.76 20.73
N ALA B 235 -9.38 -16.45 20.37
CA ALA B 235 -8.41 -16.96 21.35
C ALA B 235 -7.95 -15.90 22.35
N ILE B 236 -7.90 -14.64 21.94
CA ILE B 236 -7.32 -13.57 22.76
C ILE B 236 -8.03 -13.29 24.10
N ASN B 237 -9.36 -13.34 24.11
CA ASN B 237 -10.08 -13.00 25.33
C ASN B 237 -9.81 -13.94 26.51
N LYS B 238 -9.74 -13.37 27.73
CA LYS B 238 -9.55 -14.12 28.97
C LYS B 238 -10.81 -14.91 29.36
N THR B 280 -15.55 -9.24 24.95
CA THR B 280 -14.33 -9.91 24.52
C THR B 280 -13.40 -9.01 23.70
N PHE B 281 -12.08 -9.25 23.74
CA PHE B 281 -11.10 -8.37 23.11
C PHE B 281 -11.42 -7.96 21.67
N ILE B 282 -11.68 -8.94 20.80
CA ILE B 282 -11.90 -8.64 19.38
C ILE B 282 -13.24 -7.91 19.09
N ASP B 283 -14.28 -8.19 19.87
CA ASP B 283 -15.55 -7.48 19.75
C ASP B 283 -15.39 -6.01 20.13
N TYR B 284 -14.62 -5.75 21.18
CA TYR B 284 -14.31 -4.37 21.53
C TYR B 284 -13.54 -3.69 20.38
N ALA B 285 -12.47 -4.35 19.93
CA ALA B 285 -11.62 -3.85 18.86
C ALA B 285 -12.47 -3.50 17.63
N ILE B 286 -13.34 -4.43 17.22
CA ILE B 286 -14.19 -4.25 16.06
C ILE B 286 -15.20 -3.11 16.24
N GLU B 287 -15.88 -3.08 17.37
CA GLU B 287 -16.86 -2.02 17.61
C GLU B 287 -16.16 -0.66 17.65
N TYR B 288 -15.02 -0.61 18.30
CA TYR B 288 -14.26 0.62 18.38
C TYR B 288 -13.83 1.05 16.97
N SER B 289 -13.34 0.11 16.17
CA SER B 289 -12.90 0.45 14.82
C SER B 289 -14.08 0.94 13.95
N GLU B 290 -15.19 0.22 14.00
CA GLU B 290 -16.37 0.63 13.25
C GLU B 290 -16.97 1.97 13.71
N LYS B 291 -16.76 2.32 14.97
CA LYS B 291 -17.22 3.62 15.47
C LYS B 291 -16.26 4.80 15.17
N TYR B 292 -14.96 4.58 15.29
CA TYR B 292 -14.01 5.71 15.27
C TYR B 292 -13.10 5.81 14.05
N ALA B 293 -13.07 4.80 13.20
CA ALA B 293 -12.17 4.87 12.04
C ALA B 293 -12.73 5.92 11.08
N PRO B 294 -11.85 6.52 10.26
CA PRO B 294 -12.27 7.48 9.22
C PRO B 294 -13.30 6.87 8.29
N LEU B 295 -13.11 5.61 7.94
CA LEU B 295 -14.08 4.91 7.12
C LEU B 295 -14.85 3.97 8.01
N ARG B 296 -16.16 4.22 8.10
CA ARG B 296 -16.97 3.50 9.06
C ARG B 296 -17.78 2.46 8.31
N GLN B 297 -17.15 1.33 8.06
CA GLN B 297 -17.72 0.25 7.30
C GLN B 297 -17.07 -0.98 7.88
N LYS B 298 -17.68 -2.15 7.68
CA LYS B 298 -17.10 -3.36 8.24
C LYS B 298 -15.83 -3.72 7.47
N LEU B 299 -14.76 -4.02 8.21
CA LEU B 299 -13.52 -4.39 7.55
C LEU B 299 -13.58 -5.86 7.21
N LEU B 300 -13.45 -6.17 5.93
CA LEU B 300 -13.54 -7.56 5.48
C LEU B 300 -12.18 -8.18 5.27
N SER B 301 -12.12 -9.51 5.35
CA SER B 301 -10.86 -10.21 5.12
C SER B 301 -10.38 -9.96 3.70
N THR B 302 -11.33 -9.90 2.75
CA THR B 302 -11.03 -9.59 1.37
C THR B 302 -10.54 -8.14 1.15
N ASP B 303 -10.77 -7.25 2.12
CA ASP B 303 -10.17 -5.91 2.00
C ASP B 303 -8.66 -6.01 2.15
N ILE B 304 -8.23 -6.87 3.08
CA ILE B 304 -6.82 -7.14 3.23
C ILE B 304 -6.38 -7.93 2.01
N GLY B 305 -7.24 -8.86 1.57
CA GLY B 305 -6.92 -9.76 0.47
C GLY B 305 -6.58 -9.06 -0.84
N SER B 306 -7.28 -7.97 -1.15
CA SER B 306 -6.97 -7.24 -2.39
C SER B 306 -5.73 -6.36 -2.25
N VAL B 307 -5.44 -5.90 -1.03
CA VAL B 307 -4.15 -5.23 -0.81
C VAL B 307 -2.99 -6.23 -0.90
N ALA B 308 -3.17 -7.43 -0.34
CA ALA B 308 -2.13 -8.46 -0.45
C ALA B 308 -1.84 -8.79 -1.91
N SER B 309 -2.92 -8.94 -2.66
CA SER B 309 -2.82 -9.25 -4.06
C SER B 309 -2.02 -8.16 -4.80
N PHE B 310 -2.30 -6.90 -4.50
CA PHE B 310 -1.56 -5.80 -5.08
C PHE B 310 -0.05 -5.87 -4.76
N LEU B 311 0.27 -6.11 -3.50
CA LEU B 311 1.66 -6.16 -3.06
C LEU B 311 2.44 -7.32 -3.64
N LEU B 312 1.72 -8.42 -3.86
CA LEU B 312 2.31 -9.65 -4.39
C LEU B 312 2.49 -9.56 -5.90
N SER B 313 1.76 -8.65 -6.52
CA SER B 313 1.83 -8.49 -7.97
C SER B 313 2.92 -7.51 -8.36
N ARG B 314 3.27 -7.50 -9.63
CA ARG B 314 4.28 -6.62 -10.18
C ARG B 314 3.83 -5.17 -10.26
N GLU B 315 2.56 -4.91 -9.98
CA GLU B 315 2.07 -3.51 -9.87
C GLU B 315 2.72 -2.70 -8.74
N SER B 316 3.31 -3.40 -7.78
CA SER B 316 3.93 -2.78 -6.62
C SER B 316 5.47 -2.97 -6.63
N ARG B 317 6.06 -3.17 -7.83
CA ARG B 317 7.49 -3.53 -7.94
C ARG B 317 8.46 -2.57 -7.23
N ALA B 318 8.06 -1.31 -7.02
CA ALA B 318 8.93 -0.35 -6.34
C ALA B 318 8.66 -0.16 -4.83
N ILE B 319 7.85 -1.03 -4.25
CA ILE B 319 7.54 -0.97 -2.82
C ILE B 319 8.19 -2.17 -2.11
N THR B 320 9.02 -1.92 -1.12
CA THR B 320 9.56 -3.05 -0.34
C THR B 320 9.96 -2.55 1.05
N GLY B 321 9.94 -3.44 2.03
CA GLY B 321 10.35 -3.12 3.39
C GLY B 321 9.33 -2.36 4.18
N GLN B 322 8.11 -2.26 3.65
CA GLN B 322 7.12 -1.36 4.18
C GLN B 322 6.11 -2.06 5.05
N THR B 323 5.59 -1.32 6.04
CA THR B 323 4.41 -1.69 6.78
C THR B 323 3.22 -0.87 6.21
N ILE B 324 2.29 -1.56 5.54
CA ILE B 324 1.13 -0.93 4.90
C ILE B 324 -0.14 -1.18 5.71
N TYR B 325 -0.76 -0.10 6.17
CA TYR B 325 -1.96 -0.18 7.02
C TYR B 325 -3.23 -0.37 6.20
N VAL B 326 -3.96 -1.45 6.49
CA VAL B 326 -5.25 -1.71 5.86
C VAL B 326 -6.24 -1.89 7.00
N ASP B 327 -6.80 -0.78 7.48
CA ASP B 327 -7.49 -0.76 8.76
C ASP B 327 -8.50 0.37 8.78
N ASN B 328 -9.03 0.70 7.61
CA ASN B 328 -9.96 1.82 7.47
C ASN B 328 -9.44 3.15 8.06
N GLY B 329 -8.13 3.28 8.20
CA GLY B 329 -7.51 4.51 8.67
C GLY B 329 -7.40 4.69 10.17
N LEU B 330 -7.82 3.69 10.94
CA LEU B 330 -7.90 3.83 12.38
C LEU B 330 -6.58 4.28 12.99
N ASN B 331 -5.47 3.80 12.40
CA ASN B 331 -4.14 4.12 12.94
C ASN B 331 -3.80 5.62 13.00
N ILE B 332 -4.50 6.43 12.18
CA ILE B 332 -4.18 7.84 12.07
C ILE B 332 -4.82 8.65 13.21
N MET B 333 -5.71 8.02 13.96
CA MET B 333 -6.44 8.75 15.01
C MET B 333 -5.66 8.81 16.34
N PHE B 334 -5.70 9.97 16.99
CA PHE B 334 -5.23 10.13 18.37
C PHE B 334 -6.44 10.15 19.29
N LEU B 335 -7.21 11.23 19.22
CA LEU B 335 -8.40 11.36 20.08
C LEU B 335 -9.68 10.88 19.39
N PRO B 336 -10.23 9.75 19.88
CA PRO B 336 -11.55 9.30 19.43
C PRO B 336 -12.58 10.33 19.82
N ASP B 337 -13.18 10.99 18.85
CA ASP B 337 -14.27 11.94 19.08
C ASP B 337 -15.40 11.28 19.88
#